data_6R0F
#
_entry.id   6R0F
#
_cell.length_a   46.729
_cell.length_b   71.566
_cell.length_c   98.693
_cell.angle_alpha   90.00
_cell.angle_beta   90.00
_cell.angle_gamma   90.00
#
_symmetry.space_group_name_H-M   'P 21 21 21'
#
loop_
_entity.id
_entity.type
_entity.pdbx_description
1 polymer 'Non-structural polyprotein'
2 non-polymer '[(2R,3S,4R,5R)-5-(6-AMINOPURIN-9-YL)-3,4-DIHYDROXY-OXOLAN-2-YL]METHYL [HYDROXY-[[(2R,3S,4R,5S)-3,4,5-TRIHYDROXYOXOLAN-2-YL]METHOXY]PHOSPHORYL] HYDROGEN PHOSPHATE'
3 water water
#
_entity_poly.entity_id   1
_entity_poly.type   'polypeptide(L)'
_entity_poly.pdbx_seq_one_letter_code
;MKAPSYRVRRADISGHGEEAVVNAANAKGTVSDGVCRAVAKKWPSSFKGAATPVGTAKMIRADGMTVIHAVGPNFSTVTE
AEGDRELAAAYRAVASIISTNNIKSVAVPLLSTGTFSGGKDRVMQSLNHLFTALDATDADVVIYCRDKNWEKKIQEAIDR
RTHHHHHH
;
_entity_poly.pdbx_strand_id   A,B
#
# COMPACT_ATOMS: atom_id res chain seq x y z
N ALA A 3 -21.50 -13.24 22.69
CA ALA A 3 -20.19 -14.02 22.63
C ALA A 3 -19.67 -14.05 21.19
N PRO A 4 -18.34 -13.90 20.96
CA PRO A 4 -17.78 -13.98 19.62
C PRO A 4 -17.67 -15.44 19.14
N SER A 5 -17.57 -15.62 17.83
CA SER A 5 -17.24 -16.92 17.19
C SER A 5 -15.83 -16.84 16.60
N TYR A 6 -15.15 -17.98 16.49
CA TYR A 6 -13.75 -18.08 15.99
C TYR A 6 -13.70 -19.14 14.89
N ARG A 7 -13.21 -18.73 13.71
CA ARG A 7 -12.91 -19.63 12.58
C ARG A 7 -11.45 -19.38 12.18
N VAL A 8 -10.84 -20.35 11.51
CA VAL A 8 -9.46 -20.21 10.94
C VAL A 8 -9.51 -20.49 9.45
N ARG A 9 -8.87 -19.64 8.66
CA ARG A 9 -8.75 -19.82 7.20
C ARG A 9 -7.26 -19.78 6.83
N ARG A 10 -6.82 -20.80 6.09
CA ARG A 10 -5.48 -20.81 5.45
C ARG A 10 -5.64 -20.19 4.07
N ALA A 11 -5.47 -18.88 3.98
CA ALA A 11 -5.68 -18.09 2.75
C ALA A 11 -4.99 -16.73 2.86
N ASP A 12 -4.83 -16.08 1.72
CA ASP A 12 -4.39 -14.67 1.65
C ASP A 12 -5.47 -13.82 2.32
N ILE A 13 -5.07 -13.08 3.37
CA ILE A 13 -6.02 -12.25 4.18
C ILE A 13 -6.68 -11.19 3.28
N SER A 14 -6.07 -10.81 2.15
CA SER A 14 -6.63 -9.79 1.23
C SER A 14 -7.93 -10.29 0.59
N GLY A 15 -8.17 -11.59 0.56
CA GLY A 15 -9.41 -12.19 0.02
C GLY A 15 -10.49 -12.44 1.09
N HIS A 16 -10.37 -11.81 2.27
CA HIS A 16 -11.28 -12.09 3.41
C HIS A 16 -12.69 -11.62 3.06
N GLY A 17 -13.71 -12.27 3.65
CA GLY A 17 -15.14 -11.93 3.46
C GLY A 17 -15.71 -11.19 4.67
N GLU A 18 -14.87 -10.61 5.52
CA GLU A 18 -15.30 -9.96 6.79
C GLU A 18 -15.49 -8.46 6.57
N GLU A 19 -16.11 -7.80 7.55
CA GLU A 19 -16.43 -6.35 7.50
C GLU A 19 -15.15 -5.53 7.67
N ALA A 20 -14.17 -6.05 8.40
CA ALA A 20 -12.91 -5.34 8.68
C ALA A 20 -11.74 -6.33 8.63
N VAL A 21 -10.55 -5.78 8.44
CA VAL A 21 -9.30 -6.59 8.42
C VAL A 21 -8.30 -5.92 9.34
N VAL A 22 -7.58 -6.73 10.09
CA VAL A 22 -6.44 -6.27 10.93
C VAL A 22 -5.17 -6.46 10.09
N ASN A 23 -4.48 -5.36 9.85
CA ASN A 23 -3.09 -5.33 9.31
C ASN A 23 -2.11 -5.53 10.46
N ALA A 24 -1.19 -6.48 10.31
CA ALA A 24 -0.01 -6.63 11.19
C ALA A 24 0.98 -5.55 10.79
N ALA A 25 0.89 -4.38 11.41
CA ALA A 25 1.51 -3.13 10.94
C ALA A 25 2.83 -2.91 11.67
N ASN A 26 3.58 -1.93 11.20
CA ASN A 26 4.73 -1.34 11.91
C ASN A 26 4.33 0.06 12.36
N ALA A 27 5.06 0.63 13.32
CA ALA A 27 4.70 1.89 14.00
C ALA A 27 4.74 3.05 13.00
N LYS A 28 5.60 2.98 11.99
CA LYS A 28 5.82 4.08 11.01
C LYS A 28 4.71 4.07 9.95
N GLY A 29 3.94 2.99 9.84
CA GLY A 29 2.90 2.84 8.82
C GLY A 29 3.45 2.66 7.42
N THR A 30 4.66 2.10 7.29
CA THR A 30 5.31 1.83 5.99
C THR A 30 4.82 0.46 5.51
N VAL A 31 4.99 0.21 4.20
CA VAL A 31 4.68 -1.09 3.55
C VAL A 31 5.95 -1.93 3.49
N SER A 32 5.88 -3.17 3.96
CA SER A 32 6.99 -4.16 3.94
C SER A 32 6.39 -5.57 3.83
N ASP A 33 7.23 -6.61 3.77
CA ASP A 33 6.83 -8.00 3.45
C ASP A 33 5.84 -8.55 4.49
N GLY A 34 4.92 -9.40 4.05
CA GLY A 34 3.97 -10.13 4.90
C GLY A 34 2.55 -9.66 4.69
N VAL A 35 1.72 -9.73 5.74
CA VAL A 35 0.28 -9.29 5.76
C VAL A 35 0.22 -7.86 5.22
N CYS A 36 1.14 -7.01 5.67
CA CYS A 36 1.24 -5.57 5.31
C CYS A 36 1.24 -5.38 3.78
N ARG A 37 1.99 -6.20 3.04
CA ARG A 37 2.09 -6.11 1.55
C ARG A 37 0.73 -6.39 0.91
N ALA A 38 0.04 -7.46 1.32
CA ALA A 38 -1.28 -7.87 0.76
C ALA A 38 -2.33 -6.78 0.99
N VAL A 39 -2.38 -6.22 2.20
CA VAL A 39 -3.31 -5.12 2.61
C VAL A 39 -3.03 -3.87 1.76
N ALA A 40 -1.77 -3.48 1.61
CA ALA A 40 -1.33 -2.30 0.82
C ALA A 40 -1.73 -2.45 -0.64
N LYS A 41 -1.74 -3.67 -1.20
CA LYS A 41 -2.02 -3.91 -2.63
C LYS A 41 -3.53 -3.78 -2.86
N LYS A 42 -4.31 -4.40 -1.98
CA LYS A 42 -5.79 -4.49 -2.08
C LYS A 42 -6.45 -3.17 -1.67
N TRP A 43 -5.93 -2.49 -0.64
CA TRP A 43 -6.51 -1.25 -0.05
C TRP A 43 -5.41 -0.21 0.15
N PRO A 44 -4.82 0.29 -0.95
CA PRO A 44 -3.61 1.12 -0.87
C PRO A 44 -3.75 2.41 -0.07
N SER A 45 -4.93 3.04 -0.10
CA SER A 45 -5.16 4.34 0.58
C SER A 45 -5.40 4.12 2.08
N SER A 46 -5.52 2.88 2.54
CA SER A 46 -5.68 2.54 3.98
C SER A 46 -4.40 2.86 4.78
N PHE A 47 -3.29 3.19 4.12
CA PHE A 47 -2.00 3.50 4.81
C PHE A 47 -1.82 5.00 5.07
N LYS A 48 -2.64 5.88 4.49
CA LYS A 48 -2.51 7.34 4.74
C LYS A 48 -2.70 7.60 6.24
N GLY A 49 -1.68 8.14 6.92
CA GLY A 49 -1.73 8.56 8.34
C GLY A 49 -1.90 7.40 9.32
N ALA A 50 -1.56 6.17 8.92
CA ALA A 50 -1.76 4.93 9.72
C ALA A 50 -0.67 4.74 10.77
N ALA A 51 0.41 5.54 10.78
CA ALA A 51 1.46 5.49 11.83
C ALA A 51 0.79 5.52 13.23
N THR A 52 1.25 4.65 14.12
CA THR A 52 0.68 4.47 15.49
C THR A 52 1.71 3.71 16.33
N PRO A 53 1.88 4.07 17.63
CA PRO A 53 2.92 3.45 18.44
C PRO A 53 2.74 1.94 18.61
N VAL A 54 3.84 1.25 18.91
CA VAL A 54 3.82 -0.19 19.32
C VAL A 54 2.77 -0.39 20.41
N GLY A 55 2.04 -1.51 20.35
CA GLY A 55 1.02 -1.90 21.33
C GLY A 55 -0.30 -1.14 21.17
N THR A 56 -0.45 -0.37 20.08
CA THR A 56 -1.71 0.37 19.76
C THR A 56 -2.25 -0.06 18.38
N ALA A 57 -3.50 0.31 18.11
CA ALA A 57 -4.16 0.09 16.82
C ALA A 57 -4.79 1.39 16.33
N LYS A 58 -4.85 1.53 15.01
CA LYS A 58 -5.41 2.73 14.37
C LYS A 58 -6.26 2.25 13.18
N MET A 59 -7.50 2.72 13.13
CA MET A 59 -8.51 2.27 12.16
C MET A 59 -8.71 3.33 11.09
N ILE A 60 -9.02 2.87 9.89
CA ILE A 60 -9.40 3.75 8.75
C ILE A 60 -10.45 3.00 7.92
N ARG A 61 -11.38 3.76 7.35
CA ARG A 61 -12.22 3.31 6.22
C ARG A 61 -11.63 3.90 4.95
N ALA A 62 -11.29 3.04 4.01
CA ALA A 62 -10.67 3.41 2.72
C ALA A 62 -10.89 2.25 1.76
N ASP A 63 -11.07 2.56 0.48
CA ASP A 63 -11.15 1.54 -0.58
C ASP A 63 -12.29 0.56 -0.27
N GLY A 64 -13.38 1.05 0.34
CA GLY A 64 -14.57 0.27 0.70
C GLY A 64 -14.28 -0.81 1.72
N MET A 65 -13.25 -0.60 2.55
CA MET A 65 -12.85 -1.58 3.60
C MET A 65 -12.55 -0.83 4.89
N THR A 66 -12.73 -1.51 6.02
CA THR A 66 -12.26 -1.06 7.35
C THR A 66 -10.94 -1.74 7.64
N VAL A 67 -9.88 -0.97 7.79
CA VAL A 67 -8.53 -1.54 8.04
C VAL A 67 -8.11 -1.09 9.44
N ILE A 68 -7.70 -2.05 10.24
CA ILE A 68 -7.21 -1.82 11.62
C ILE A 68 -5.73 -2.15 11.65
N HIS A 69 -4.90 -1.10 11.65
CA HIS A 69 -3.41 -1.19 11.75
C HIS A 69 -3.04 -1.44 13.21
N ALA A 70 -2.73 -2.70 13.52
CA ALA A 70 -2.30 -3.13 14.88
C ALA A 70 -0.78 -3.33 14.89
N VAL A 71 -0.07 -2.61 15.76
CA VAL A 71 1.41 -2.72 15.86
C VAL A 71 1.80 -3.62 17.04
N GLY A 72 2.02 -4.89 16.76
CA GLY A 72 2.61 -5.83 17.73
C GLY A 72 4.08 -5.47 17.99
N PRO A 73 4.66 -5.94 19.11
CA PRO A 73 6.07 -5.69 19.38
C PRO A 73 6.95 -6.48 18.42
N ASN A 74 8.13 -5.94 18.14
CA ASN A 74 9.24 -6.69 17.50
C ASN A 74 10.06 -7.29 18.63
N PHE A 75 10.02 -8.62 18.77
CA PHE A 75 10.60 -9.37 19.93
C PHE A 75 12.14 -9.29 19.90
N SER A 76 12.75 -8.83 18.81
CA SER A 76 14.21 -8.51 18.74
C SER A 76 14.54 -7.21 19.50
N THR A 77 13.53 -6.43 19.88
CA THR A 77 13.74 -5.03 20.37
C THR A 77 13.22 -4.86 21.79
N VAL A 78 12.65 -5.91 22.39
CA VAL A 78 12.07 -5.86 23.77
C VAL A 78 12.41 -7.14 24.49
N THR A 79 12.39 -7.10 25.82
CA THR A 79 12.49 -8.33 26.64
C THR A 79 11.24 -9.16 26.39
N GLU A 80 11.27 -10.46 26.66
CA GLU A 80 10.11 -11.38 26.51
C GLU A 80 8.90 -10.84 27.28
N ALA A 81 9.10 -10.40 28.53
CA ALA A 81 7.99 -9.89 29.39
C ALA A 81 7.43 -8.59 28.81
N GLU A 82 8.31 -7.69 28.35
CA GLU A 82 7.86 -6.40 27.77
C GLU A 82 7.08 -6.70 26.49
N GLY A 83 7.60 -7.59 25.66
CA GLY A 83 6.96 -8.03 24.41
C GLY A 83 5.59 -8.62 24.68
N ASP A 84 5.49 -9.49 25.68
CA ASP A 84 4.21 -10.16 26.01
C ASP A 84 3.15 -9.10 26.36
N ARG A 85 3.49 -8.15 27.25
CA ARG A 85 2.63 -7.01 27.64
C ARG A 85 2.17 -6.24 26.40
N GLU A 86 3.11 -5.89 25.53
CA GLU A 86 2.82 -5.04 24.34
C GLU A 86 1.94 -5.83 23.35
N LEU A 87 2.17 -7.13 23.20
CA LEU A 87 1.36 -7.98 22.30
C LEU A 87 -0.08 -8.02 22.80
N ALA A 88 -0.27 -8.19 24.11
CA ALA A 88 -1.60 -8.18 24.77
C ALA A 88 -2.27 -6.83 24.50
N ALA A 89 -1.54 -5.73 24.67
CA ALA A 89 -2.04 -4.35 24.47
C ALA A 89 -2.53 -4.17 23.02
N ALA A 90 -1.74 -4.62 22.04
CA ALA A 90 -2.08 -4.47 20.60
C ALA A 90 -3.44 -5.11 20.37
N TYR A 91 -3.64 -6.32 20.88
CA TYR A 91 -4.91 -7.09 20.69
C TYR A 91 -6.06 -6.41 21.44
N ARG A 92 -5.84 -5.89 22.65
CA ARG A 92 -6.91 -5.16 23.38
C ARG A 92 -7.32 -3.92 22.58
N ALA A 93 -6.35 -3.19 22.01
CA ALA A 93 -6.58 -1.98 21.20
C ALA A 93 -7.47 -2.36 20.00
N VAL A 94 -7.15 -3.49 19.37
CA VAL A 94 -7.95 -4.02 18.23
C VAL A 94 -9.39 -4.28 18.72
N ALA A 95 -9.53 -5.02 19.80
CA ALA A 95 -10.84 -5.40 20.39
C ALA A 95 -11.65 -4.14 20.69
N SER A 96 -11.03 -3.13 21.28
CA SER A 96 -11.72 -1.85 21.61
C SER A 96 -12.25 -1.21 20.31
N ILE A 97 -11.46 -1.19 19.25
CA ILE A 97 -11.92 -0.62 17.94
C ILE A 97 -13.10 -1.44 17.41
N ILE A 98 -13.04 -2.77 17.51
CA ILE A 98 -14.15 -3.66 17.06
C ILE A 98 -15.44 -3.27 17.80
N SER A 99 -15.37 -3.16 19.12
CA SER A 99 -16.53 -2.92 20.01
C SER A 99 -17.08 -1.53 19.79
N THR A 100 -16.24 -0.50 19.88
CA THR A 100 -16.70 0.90 19.84
C THR A 100 -17.32 1.20 18.47
N ASN A 101 -16.90 0.53 17.40
CA ASN A 101 -17.34 0.84 16.02
C ASN A 101 -18.40 -0.16 15.57
N ASN A 102 -18.83 -1.09 16.43
CA ASN A 102 -19.93 -2.02 16.10
C ASN A 102 -19.55 -2.82 14.84
N ILE A 103 -18.29 -3.21 14.73
CA ILE A 103 -17.79 -4.09 13.63
C ILE A 103 -18.23 -5.52 13.94
N LYS A 104 -18.92 -6.15 12.98
CA LYS A 104 -19.65 -7.42 13.20
C LYS A 104 -18.71 -8.60 12.96
N SER A 105 -17.73 -8.44 12.08
CA SER A 105 -16.82 -9.53 11.69
C SER A 105 -15.46 -8.95 11.31
N VAL A 106 -14.40 -9.70 11.56
CA VAL A 106 -13.00 -9.20 11.39
C VAL A 106 -12.09 -10.37 11.00
N ALA A 107 -11.25 -10.11 10.01
CA ALA A 107 -10.12 -10.95 9.55
C ALA A 107 -8.88 -10.55 10.34
N VAL A 108 -8.30 -11.49 11.08
CA VAL A 108 -7.15 -11.21 11.98
C VAL A 108 -6.00 -12.15 11.67
N PRO A 109 -4.77 -11.60 11.43
CA PRO A 109 -3.55 -12.40 11.39
C PRO A 109 -2.94 -12.48 12.80
N LEU A 110 -1.95 -13.36 12.99
CA LEU A 110 -1.30 -13.52 14.31
C LEU A 110 -0.16 -12.51 14.41
N LEU A 111 -0.41 -11.41 15.12
CA LEU A 111 0.57 -10.33 15.35
C LEU A 111 1.86 -10.92 15.95
N SER A 112 2.99 -10.38 15.50
CA SER A 112 4.36 -10.65 16.02
C SER A 112 4.76 -12.11 15.83
N THR A 113 4.21 -12.81 14.83
CA THR A 113 4.56 -14.24 14.55
C THR A 113 5.38 -14.37 13.27
N GLY A 114 5.77 -13.27 12.63
CA GLY A 114 6.58 -13.33 11.38
C GLY A 114 7.83 -12.50 11.52
N THR A 115 7.91 -11.37 10.80
CA THR A 115 9.04 -10.39 10.88
C THR A 115 9.34 -10.05 12.35
N PHE A 116 8.31 -9.97 13.21
CA PHE A 116 8.43 -9.41 14.59
C PHE A 116 8.61 -10.51 15.64
N SER A 117 8.71 -11.77 15.21
CA SER A 117 8.73 -12.95 16.12
C SER A 117 10.09 -13.08 16.84
N GLY A 118 11.12 -12.31 16.44
CA GLY A 118 12.51 -12.49 16.88
C GLY A 118 12.98 -13.92 16.66
N GLY A 119 12.55 -14.50 15.54
CA GLY A 119 12.90 -15.87 15.09
C GLY A 119 12.42 -16.96 16.01
N LYS A 120 11.40 -16.74 16.84
CA LYS A 120 10.83 -17.83 17.67
C LYS A 120 9.42 -18.16 17.18
N ASP A 121 8.94 -19.37 17.47
CA ASP A 121 7.56 -19.81 17.19
C ASP A 121 6.66 -19.19 18.26
N ARG A 122 5.81 -18.23 17.88
CA ARG A 122 4.96 -17.45 18.83
C ARG A 122 3.48 -17.58 18.45
N VAL A 123 3.14 -18.63 17.71
CA VAL A 123 1.75 -18.88 17.21
C VAL A 123 0.81 -18.96 18.42
N MET A 124 1.14 -19.78 19.42
CA MET A 124 0.26 -20.00 20.60
C MET A 124 0.26 -18.77 21.50
N GLN A 125 1.43 -18.17 21.74
CA GLN A 125 1.51 -16.91 22.53
C GLN A 125 0.55 -15.87 21.91
N SER A 126 0.64 -15.66 20.60
CA SER A 126 -0.12 -14.62 19.87
C SER A 126 -1.61 -14.97 19.86
N LEU A 127 -1.92 -16.23 19.55
CA LEU A 127 -3.31 -16.75 19.48
C LEU A 127 -3.99 -16.56 20.83
N ASN A 128 -3.31 -16.87 21.92
CA ASN A 128 -3.93 -16.83 23.27
C ASN A 128 -4.24 -15.37 23.63
N HIS A 129 -3.38 -14.42 23.24
CA HIS A 129 -3.66 -12.98 23.43
C HIS A 129 -4.83 -12.54 22.52
N LEU A 130 -4.91 -13.11 21.31
CA LEU A 130 -6.01 -12.82 20.38
C LEU A 130 -7.33 -13.23 21.06
N PHE A 131 -7.42 -14.47 21.55
CA PHE A 131 -8.65 -14.98 22.24
C PHE A 131 -8.99 -14.08 23.42
N THR A 132 -8.04 -13.82 24.31
CA THR A 132 -8.29 -13.02 25.55
C THR A 132 -8.88 -11.67 25.17
N ALA A 133 -8.29 -10.98 24.20
CA ALA A 133 -8.70 -9.61 23.80
C ALA A 133 -10.07 -9.65 23.12
N LEU A 134 -10.25 -10.51 22.11
CA LEU A 134 -11.46 -10.52 21.26
C LEU A 134 -12.63 -11.23 21.95
N ASP A 135 -12.38 -11.94 23.05
CA ASP A 135 -13.47 -12.50 23.88
C ASP A 135 -14.33 -11.36 24.43
N ALA A 136 -13.77 -10.16 24.56
CA ALA A 136 -14.48 -8.95 25.05
C ALA A 136 -15.38 -8.35 23.96
N THR A 137 -15.38 -8.90 22.75
CA THR A 137 -16.26 -8.46 21.63
C THR A 137 -17.33 -9.52 21.41
N ASP A 138 -18.31 -9.22 20.56
CA ASP A 138 -19.30 -10.21 20.08
C ASP A 138 -19.11 -10.34 18.56
N ALA A 139 -17.89 -10.07 18.08
CA ALA A 139 -17.56 -10.11 16.64
C ALA A 139 -17.37 -11.57 16.21
N ASP A 140 -17.69 -11.86 14.94
CA ASP A 140 -17.23 -13.09 14.26
C ASP A 140 -15.79 -12.88 13.80
N VAL A 141 -14.87 -13.56 14.46
CA VAL A 141 -13.43 -13.44 14.17
C VAL A 141 -13.03 -14.58 13.25
N VAL A 142 -12.40 -14.25 12.14
CA VAL A 142 -11.77 -15.25 11.22
C VAL A 142 -10.26 -15.01 11.28
N ILE A 143 -9.54 -16.03 11.75
CA ILE A 143 -8.07 -15.97 11.91
C ILE A 143 -7.45 -16.47 10.62
N TYR A 144 -6.52 -15.69 10.05
CA TYR A 144 -5.85 -16.01 8.77
C TYR A 144 -4.39 -16.37 9.03
N CYS A 145 -3.96 -17.45 8.39
CA CYS A 145 -2.56 -17.94 8.40
C CYS A 145 -2.25 -18.46 6.99
N ARG A 146 -0.99 -18.82 6.73
CA ARG A 146 -0.51 -19.32 5.42
C ARG A 146 0.01 -20.76 5.57
N ASP A 147 0.26 -21.20 6.80
CA ASP A 147 0.91 -22.49 7.12
C ASP A 147 -0.16 -23.51 7.51
N LYS A 148 -0.18 -24.68 6.85
CA LYS A 148 -1.12 -25.81 7.11
C LYS A 148 -0.97 -26.30 8.55
N ASN A 149 0.25 -26.32 9.07
CA ASN A 149 0.53 -26.87 10.43
C ASN A 149 -0.06 -25.90 11.46
N TRP A 150 0.06 -24.58 11.23
CA TRP A 150 -0.57 -23.52 12.05
C TRP A 150 -2.10 -23.64 12.02
N GLU A 151 -2.66 -23.79 10.81
CA GLU A 151 -4.12 -23.95 10.59
C GLU A 151 -4.64 -24.98 11.59
N LYS A 152 -4.03 -26.17 11.57
CA LYS A 152 -4.39 -27.31 12.45
C LYS A 152 -4.25 -26.92 13.92
N LYS A 153 -3.11 -26.31 14.31
CA LYS A 153 -2.85 -25.93 15.72
C LYS A 153 -3.90 -24.92 16.19
N ILE A 154 -4.25 -23.96 15.34
CA ILE A 154 -5.26 -22.91 15.65
C ILE A 154 -6.62 -23.57 15.77
N GLN A 155 -6.94 -24.46 14.83
CA GLN A 155 -8.24 -25.20 14.84
C GLN A 155 -8.36 -25.97 16.16
N GLU A 156 -7.29 -26.66 16.56
CA GLU A 156 -7.24 -27.47 17.81
C GLU A 156 -7.52 -26.54 18.99
N ALA A 157 -6.92 -25.33 18.98
CA ALA A 157 -7.03 -24.31 20.05
C ALA A 157 -8.47 -23.79 20.12
N ILE A 158 -9.08 -23.52 18.96
CA ILE A 158 -10.52 -23.12 18.87
C ILE A 158 -11.37 -24.24 19.48
N ASP A 159 -11.20 -25.48 19.02
CA ASP A 159 -12.01 -26.65 19.45
C ASP A 159 -11.95 -26.79 20.98
N ARG A 160 -10.75 -26.75 21.55
CA ARG A 160 -10.49 -26.99 22.99
C ARG A 160 -11.35 -26.06 23.86
N ARG A 161 -11.74 -24.89 23.35
CA ARG A 161 -12.64 -23.92 24.07
C ARG A 161 -14.10 -24.39 23.99
N THR A 162 -14.37 -25.56 23.38
CA THR A 162 -15.62 -26.37 23.52
C THR A 162 -15.28 -27.75 24.08
N ALA B 3 17.48 5.27 0.36
CA ALA B 3 16.25 6.13 0.38
C ALA B 3 16.26 7.14 -0.77
N PRO B 4 15.11 7.36 -1.46
CA PRO B 4 15.07 8.30 -2.59
C PRO B 4 14.94 9.75 -2.11
N SER B 5 15.20 10.69 -3.01
CA SER B 5 14.89 12.13 -2.83
C SER B 5 13.71 12.52 -3.73
N TYR B 6 12.97 13.55 -3.35
CA TYR B 6 11.76 14.05 -4.05
C TYR B 6 11.89 15.56 -4.24
N ARG B 7 11.75 16.01 -5.49
CA ARG B 7 11.58 17.43 -5.84
C ARG B 7 10.35 17.54 -6.72
N VAL B 8 9.81 18.75 -6.83
CA VAL B 8 8.65 19.07 -7.72
C VAL B 8 9.05 20.23 -8.62
N ARG B 9 8.73 20.13 -9.91
CA ARG B 9 8.96 21.21 -10.90
C ARG B 9 7.64 21.49 -11.62
N ARG B 10 7.23 22.76 -11.66
CA ARG B 10 6.10 23.23 -12.50
C ARG B 10 6.66 23.62 -13.86
N ALA B 11 6.69 22.67 -14.80
CA ALA B 11 7.43 22.78 -16.08
C ALA B 11 7.02 21.67 -17.05
N ASP B 12 7.36 21.85 -18.32
CA ASP B 12 7.14 20.85 -19.38
C ASP B 12 8.04 19.64 -19.09
N ILE B 13 7.45 18.46 -18.87
CA ILE B 13 8.19 17.23 -18.51
C ILE B 13 9.16 16.85 -19.63
N SER B 14 8.92 17.28 -20.88
CA SER B 14 9.82 16.98 -22.04
C SER B 14 11.20 17.59 -21.83
N GLY B 15 11.31 18.66 -21.03
CA GLY B 15 12.59 19.35 -20.75
C GLY B 15 13.29 18.83 -19.50
N HIS B 16 12.92 17.64 -19.02
CA HIS B 16 13.47 17.07 -17.76
C HIS B 16 14.98 16.78 -17.95
N GLY B 17 15.74 16.83 -16.86
CA GLY B 17 17.18 16.52 -16.85
C GLY B 17 17.49 15.16 -16.25
N GLU B 18 16.49 14.29 -16.14
CA GLU B 18 16.62 12.98 -15.44
C GLU B 18 16.98 11.89 -16.46
N GLU B 19 17.40 10.74 -15.94
CA GLU B 19 17.84 9.57 -16.75
C GLU B 19 16.64 8.95 -17.45
N ALA B 20 15.46 9.01 -16.85
CA ALA B 20 14.23 8.40 -17.39
C ALA B 20 13.04 9.33 -17.16
N VAL B 21 12.01 9.13 -17.97
CA VAL B 21 10.75 9.91 -17.87
C VAL B 21 9.58 8.92 -17.85
N VAL B 22 8.60 9.20 -17.00
CA VAL B 22 7.33 8.45 -16.98
C VAL B 22 6.35 9.19 -17.87
N ASN B 23 5.87 8.50 -18.89
CA ASN B 23 4.71 8.92 -19.71
C ASN B 23 3.42 8.44 -19.02
N ALA B 24 2.47 9.36 -18.81
CA ALA B 24 1.09 9.05 -18.40
C ALA B 24 0.38 8.50 -19.64
N ALA B 25 0.42 7.17 -19.80
CA ALA B 25 0.09 6.50 -21.07
C ALA B 25 -1.35 5.99 -21.00
N ASN B 26 -1.84 5.55 -22.16
CA ASN B 26 -3.10 4.76 -22.27
C ASN B 26 -2.71 3.34 -22.66
N ALA B 27 -3.60 2.38 -22.47
CA ALA B 27 -3.32 0.94 -22.63
C ALA B 27 -2.96 0.63 -24.10
N LYS B 28 -3.52 1.36 -25.06
CA LYS B 28 -3.32 1.12 -26.52
C LYS B 28 -1.96 1.68 -26.98
N GLY B 29 -1.32 2.54 -26.19
CA GLY B 29 -0.03 3.15 -26.52
C GLY B 29 -0.15 4.19 -27.63
N THR B 30 -1.32 4.82 -27.74
CA THR B 30 -1.57 5.89 -28.75
C THR B 30 -1.09 7.22 -28.16
N VAL B 31 -0.88 8.21 -29.03
CA VAL B 31 -0.57 9.62 -28.68
C VAL B 31 -1.88 10.42 -28.64
N SER B 32 -2.10 11.15 -27.55
CA SER B 32 -3.27 12.07 -27.36
C SER B 32 -2.82 13.21 -26.44
N ASP B 33 -3.72 14.15 -26.14
CA ASP B 33 -3.40 15.42 -25.42
C ASP B 33 -2.92 15.12 -23.99
N GLY B 34 -2.02 15.94 -23.46
CA GLY B 34 -1.46 15.82 -22.10
C GLY B 34 0.02 15.50 -22.14
N VAL B 35 0.53 14.84 -21.08
CA VAL B 35 1.95 14.40 -20.92
C VAL B 35 2.38 13.65 -22.18
N CYS B 36 1.50 12.77 -22.64
CA CYS B 36 1.67 11.87 -23.82
C CYS B 36 2.12 12.67 -25.06
N ARG B 37 1.53 13.84 -25.31
CA ARG B 37 1.85 14.72 -26.47
C ARG B 37 3.32 15.17 -26.40
N ALA B 38 3.76 15.70 -25.25
CA ALA B 38 5.11 16.26 -25.04
C ALA B 38 6.17 15.16 -25.24
N VAL B 39 5.94 13.97 -24.67
CA VAL B 39 6.84 12.78 -24.76
C VAL B 39 6.97 12.34 -26.23
N ALA B 40 5.84 12.22 -26.94
CA ALA B 40 5.79 11.80 -28.37
C ALA B 40 6.56 12.79 -29.25
N LYS B 41 6.54 14.09 -28.92
CA LYS B 41 7.16 15.16 -29.77
C LYS B 41 8.67 15.09 -29.60
N LYS B 42 9.13 14.97 -28.35
CA LYS B 42 10.58 14.98 -27.97
C LYS B 42 11.25 13.65 -28.34
N TRP B 43 10.57 12.51 -28.15
CA TRP B 43 11.12 11.14 -28.35
C TRP B 43 10.15 10.31 -29.18
N PRO B 44 9.97 10.63 -30.48
CA PRO B 44 8.89 10.04 -31.29
C PRO B 44 8.94 8.51 -31.42
N SER B 45 10.13 7.90 -31.46
CA SER B 45 10.27 6.43 -31.64
C SER B 45 10.00 5.69 -30.31
N SER B 46 9.83 6.42 -29.21
CA SER B 46 9.61 5.84 -27.85
C SER B 46 8.24 5.15 -27.73
N PHE B 47 7.35 5.29 -28.73
CA PHE B 47 5.97 4.74 -28.64
C PHE B 47 5.86 3.37 -29.34
N LYS B 48 6.87 2.93 -30.08
CA LYS B 48 6.80 1.61 -30.79
C LYS B 48 6.63 0.50 -29.73
N GLY B 49 5.52 -0.25 -29.80
CA GLY B 49 5.23 -1.43 -28.95
C GLY B 49 4.99 -1.07 -27.48
N ALA B 50 4.62 0.17 -27.17
CA ALA B 50 4.43 0.69 -25.79
C ALA B 50 3.11 0.24 -25.16
N ALA B 51 2.15 -0.30 -25.93
CA ALA B 51 0.84 -0.79 -25.42
C ALA B 51 1.07 -1.69 -24.20
N THR B 52 0.28 -1.50 -23.13
CA THR B 52 0.41 -2.25 -21.85
C THR B 52 -0.91 -2.09 -21.07
N PRO B 53 -1.36 -3.14 -20.35
CA PRO B 53 -2.63 -3.05 -19.63
C PRO B 53 -2.63 -1.93 -18.57
N VAL B 54 -3.84 -1.47 -18.21
CA VAL B 54 -4.06 -0.56 -17.06
C VAL B 54 -3.39 -1.17 -15.83
N GLY B 55 -2.78 -0.31 -15.00
CA GLY B 55 -2.12 -0.70 -13.74
C GLY B 55 -0.75 -1.31 -13.94
N THR B 56 -0.21 -1.28 -15.17
CA THR B 56 1.15 -1.77 -15.51
C THR B 56 1.99 -0.66 -16.15
N ALA B 57 3.30 -0.90 -16.28
CA ALA B 57 4.25 0.02 -16.93
C ALA B 57 5.16 -0.77 -17.87
N LYS B 58 5.60 -0.10 -18.93
CA LYS B 58 6.41 -0.72 -19.99
C LYS B 58 7.49 0.28 -20.40
N MET B 59 8.74 -0.16 -20.36
CA MET B 59 9.92 0.72 -20.54
C MET B 59 10.53 0.51 -21.94
N ILE B 60 11.11 1.58 -22.47
CA ILE B 60 11.84 1.53 -23.76
C ILE B 60 13.00 2.53 -23.69
N ARG B 61 14.11 2.18 -24.32
CA ARG B 61 15.17 3.16 -24.69
C ARG B 61 15.02 3.49 -26.16
N ALA B 62 14.87 4.78 -26.46
CA ALA B 62 14.72 5.32 -27.82
C ALA B 62 15.10 6.79 -27.81
N ASP B 63 15.69 7.30 -28.89
CA ASP B 63 16.00 8.74 -29.07
C ASP B 63 16.89 9.22 -27.91
N GLY B 64 17.79 8.36 -27.43
CA GLY B 64 18.73 8.67 -26.34
C GLY B 64 18.04 8.80 -24.98
N MET B 65 16.79 8.37 -24.84
CA MET B 65 16.01 8.54 -23.57
C MET B 65 15.41 7.20 -23.15
N THR B 66 15.22 7.04 -21.84
CA THR B 66 14.49 5.93 -21.21
C THR B 66 13.08 6.42 -20.93
N VAL B 67 12.09 5.80 -21.57
CA VAL B 67 10.68 6.22 -21.40
C VAL B 67 9.94 5.06 -20.73
N ILE B 68 9.20 5.37 -19.66
CA ILE B 68 8.38 4.38 -18.92
C ILE B 68 6.91 4.75 -19.13
N HIS B 69 6.23 3.96 -19.96
CA HIS B 69 4.79 4.09 -20.27
C HIS B 69 3.98 3.46 -19.13
N ALA B 70 3.45 4.29 -18.25
CA ALA B 70 2.67 3.85 -17.07
C ALA B 70 1.19 4.15 -17.33
N VAL B 71 0.34 3.12 -17.27
CA VAL B 71 -1.11 3.28 -17.52
C VAL B 71 -1.87 3.33 -16.18
N GLY B 72 -2.14 4.55 -15.72
CA GLY B 72 -3.08 4.80 -14.63
C GLY B 72 -4.51 4.46 -15.06
N PRO B 73 -5.43 4.16 -14.12
CA PRO B 73 -6.81 3.89 -14.48
C PRO B 73 -7.51 5.17 -14.93
N ASN B 74 -8.51 5.00 -15.79
CA ASN B 74 -9.49 6.07 -16.11
C ASN B 74 -10.63 5.94 -15.11
N PHE B 75 -10.77 6.91 -14.19
CA PHE B 75 -11.71 6.85 -13.04
C PHE B 75 -13.17 6.90 -13.51
N SER B 76 -13.43 7.25 -14.78
CA SER B 76 -14.77 7.15 -15.42
C SER B 76 -15.16 5.70 -15.68
N THR B 77 -14.21 4.75 -15.60
CA THR B 77 -14.39 3.37 -16.11
C THR B 77 -14.27 2.33 -14.99
N VAL B 78 -14.02 2.79 -13.76
CA VAL B 78 -13.82 1.88 -12.59
C VAL B 78 -14.46 2.51 -11.36
N THR B 79 -14.80 1.68 -10.39
CA THR B 79 -15.21 2.15 -9.03
C THR B 79 -14.00 2.84 -8.41
N GLU B 80 -14.24 3.71 -7.44
CA GLU B 80 -13.17 4.43 -6.69
C GLU B 80 -12.13 3.43 -6.14
N ALA B 81 -12.58 2.35 -5.49
CA ALA B 81 -11.70 1.34 -4.86
C ALA B 81 -10.88 0.64 -5.94
N GLU B 82 -11.52 0.23 -7.04
CA GLU B 82 -10.81 -0.51 -8.11
C GLU B 82 -9.78 0.43 -8.73
N GLY B 83 -10.18 1.67 -9.01
CA GLY B 83 -9.28 2.72 -9.54
C GLY B 83 -8.08 2.92 -8.62
N ASP B 84 -8.33 3.03 -7.32
CA ASP B 84 -7.26 3.29 -6.33
C ASP B 84 -6.23 2.17 -6.38
N ARG B 85 -6.67 0.90 -6.35
CA ARG B 85 -5.82 -0.32 -6.48
C ARG B 85 -4.96 -0.22 -7.75
N GLU B 86 -5.57 0.10 -8.87
CA GLU B 86 -4.89 0.10 -10.19
C GLU B 86 -3.90 1.27 -10.24
N LEU B 87 -4.25 2.42 -9.66
CA LEU B 87 -3.35 3.61 -9.65
C LEU B 87 -2.08 3.26 -8.85
N ALA B 88 -2.27 2.63 -7.68
CA ALA B 88 -1.15 2.22 -6.80
C ALA B 88 -0.29 1.21 -7.57
N ALA B 89 -0.90 0.27 -8.28
CA ALA B 89 -0.21 -0.79 -9.07
C ALA B 89 0.66 -0.14 -10.16
N ALA B 90 0.11 0.84 -10.89
CA ALA B 90 0.84 1.52 -11.98
C ALA B 90 2.13 2.09 -11.40
N TYR B 91 2.06 2.73 -10.24
CA TYR B 91 3.23 3.36 -9.57
C TYR B 91 4.22 2.30 -9.09
N ARG B 92 3.75 1.20 -8.53
CA ARG B 92 4.63 0.09 -8.10
C ARG B 92 5.36 -0.46 -9.34
N ALA B 93 4.66 -0.63 -10.47
CA ALA B 93 5.24 -1.13 -11.73
C ALA B 93 6.36 -0.20 -12.17
N VAL B 94 6.13 1.11 -12.07
CA VAL B 94 7.15 2.14 -12.39
C VAL B 94 8.36 1.93 -11.47
N ALA B 95 8.13 1.87 -10.17
CA ALA B 95 9.19 1.69 -9.14
C ALA B 95 9.99 0.42 -9.44
N SER B 96 9.34 -0.69 -9.77
CA SER B 96 10.02 -1.96 -10.09
C SER B 96 10.96 -1.76 -11.29
N ILE B 97 10.50 -1.06 -12.32
CA ILE B 97 11.34 -0.77 -13.51
C ILE B 97 12.54 0.08 -13.09
N ILE B 98 12.32 1.09 -12.26
CA ILE B 98 13.42 1.97 -11.74
C ILE B 98 14.48 1.08 -11.05
N SER B 99 14.05 0.23 -10.13
CA SER B 99 14.95 -0.61 -9.30
C SER B 99 15.72 -1.59 -10.17
N THR B 100 15.00 -2.40 -10.95
CA THR B 100 15.58 -3.55 -11.68
C THR B 100 16.55 -3.02 -12.74
N ASN B 101 16.34 -1.82 -13.29
CA ASN B 101 17.17 -1.29 -14.41
C ASN B 101 18.18 -0.28 -13.87
N ASN B 102 18.26 -0.11 -12.56
CA ASN B 102 19.33 0.70 -11.93
C ASN B 102 19.26 2.13 -12.46
N ILE B 103 18.03 2.63 -12.65
CA ILE B 103 17.77 4.02 -13.09
C ILE B 103 17.97 4.95 -11.90
N LYS B 104 18.80 5.97 -12.06
CA LYS B 104 19.31 6.81 -10.94
C LYS B 104 18.35 7.95 -10.65
N SER B 105 17.65 8.43 -11.67
CA SER B 105 16.77 9.62 -11.57
C SER B 105 15.64 9.48 -12.58
N VAL B 106 14.48 10.06 -12.25
CA VAL B 106 13.24 9.86 -13.05
C VAL B 106 12.34 11.10 -12.90
N ALA B 107 11.81 11.56 -14.04
CA ALA B 107 10.78 12.60 -14.18
C ALA B 107 9.40 11.94 -14.18
N VAL B 108 8.55 12.28 -13.22
CA VAL B 108 7.23 11.60 -13.03
C VAL B 108 6.12 12.63 -13.01
N PRO B 109 5.05 12.46 -13.83
CA PRO B 109 3.81 13.21 -13.67
C PRO B 109 2.86 12.48 -12.73
N LEU B 110 1.80 13.14 -12.28
CA LEU B 110 0.78 12.52 -11.40
C LEU B 110 -0.23 11.80 -12.27
N LEU B 111 -0.09 10.47 -12.34
CA LEU B 111 -0.98 9.58 -13.11
C LEU B 111 -2.42 9.81 -12.68
N SER B 112 -3.34 9.76 -13.66
CA SER B 112 -4.82 9.77 -13.49
C SER B 112 -5.29 11.08 -12.85
N THR B 113 -4.55 12.18 -12.98
CA THR B 113 -4.97 13.51 -12.43
C THR B 113 -5.40 14.46 -13.55
N GLY B 114 -5.41 14.02 -14.81
CA GLY B 114 -5.88 14.84 -15.95
C GLY B 114 -7.03 14.18 -16.66
N THR B 115 -6.79 13.69 -17.88
CA THR B 115 -7.80 13.01 -18.74
C THR B 115 -8.49 11.89 -17.95
N PHE B 116 -7.75 11.19 -17.09
CA PHE B 116 -8.21 9.93 -16.44
C PHE B 116 -8.79 10.21 -15.04
N SER B 117 -8.88 11.47 -14.63
CA SER B 117 -9.26 11.86 -13.25
C SER B 117 -10.76 11.64 -12.98
N GLY B 118 -11.56 11.37 -14.02
CA GLY B 118 -13.04 11.31 -13.91
C GLY B 118 -13.58 12.64 -13.39
N GLY B 119 -12.94 13.75 -13.76
CA GLY B 119 -13.31 15.12 -13.36
C GLY B 119 -13.18 15.39 -11.86
N LYS B 120 -12.45 14.58 -11.10
CA LYS B 120 -12.25 14.86 -9.65
C LYS B 120 -10.80 15.25 -9.41
N ASP B 121 -10.58 15.97 -8.31
CA ASP B 121 -9.22 16.40 -7.88
C ASP B 121 -8.53 15.20 -7.21
N ARG B 122 -7.51 14.64 -7.86
CA ARG B 122 -6.85 13.39 -7.41
C ARG B 122 -5.34 13.63 -7.20
N VAL B 123 -4.94 14.90 -7.02
CA VAL B 123 -3.51 15.29 -6.86
C VAL B 123 -2.91 14.53 -5.67
N MET B 124 -3.57 14.60 -4.52
CA MET B 124 -3.04 14.00 -3.27
C MET B 124 -3.18 12.49 -3.33
N GLN B 125 -4.30 11.96 -3.81
CA GLN B 125 -4.46 10.49 -4.01
C GLN B 125 -3.28 9.95 -4.84
N SER B 126 -2.97 10.60 -5.96
CA SER B 126 -1.95 10.15 -6.93
C SER B 126 -0.55 10.30 -6.30
N LEU B 127 -0.30 11.45 -5.69
CA LEU B 127 0.99 11.78 -5.03
C LEU B 127 1.30 10.74 -3.96
N ASN B 128 0.31 10.38 -3.15
CA ASN B 128 0.52 9.44 -2.02
C ASN B 128 0.91 8.07 -2.57
N HIS B 129 0.30 7.63 -3.67
CA HIS B 129 0.68 6.35 -4.32
C HIS B 129 2.08 6.46 -4.94
N LEU B 130 2.42 7.64 -5.46
CA LEU B 130 3.75 7.90 -6.05
C LEU B 130 4.81 7.70 -4.95
N PHE B 131 4.63 8.35 -3.80
CA PHE B 131 5.56 8.24 -2.66
C PHE B 131 5.67 6.78 -2.21
N THR B 132 4.54 6.12 -1.98
CA THR B 132 4.54 4.72 -1.45
C THR B 132 5.37 3.83 -2.38
N ALA B 133 5.12 3.92 -3.68
CA ALA B 133 5.79 3.07 -4.70
C ALA B 133 7.29 3.40 -4.77
N LEU B 134 7.64 4.67 -4.95
CA LEU B 134 9.03 5.08 -5.25
C LEU B 134 9.89 5.15 -3.97
N ASP B 135 9.27 5.08 -2.79
CA ASP B 135 10.04 4.95 -1.51
C ASP B 135 10.82 3.63 -1.53
N ALA B 136 10.37 2.65 -2.32
CA ALA B 136 11.04 1.34 -2.45
C ALA B 136 12.26 1.44 -3.40
N THR B 137 12.53 2.60 -4.00
CA THR B 137 13.74 2.84 -4.84
C THR B 137 14.71 3.74 -4.07
N ASP B 138 15.91 3.91 -4.61
CA ASP B 138 16.87 4.94 -4.09
C ASP B 138 17.08 5.97 -5.20
N ALA B 139 16.08 6.12 -6.08
CA ALA B 139 16.16 7.06 -7.23
C ALA B 139 15.93 8.49 -6.75
N ASP B 140 16.54 9.45 -7.45
CA ASP B 140 16.19 10.89 -7.34
C ASP B 140 14.98 11.16 -8.22
N VAL B 141 13.83 11.36 -7.59
CA VAL B 141 12.53 11.52 -8.29
C VAL B 141 12.25 13.02 -8.42
N VAL B 142 11.95 13.47 -9.63
CA VAL B 142 11.45 14.84 -9.88
C VAL B 142 10.01 14.73 -10.38
N ILE B 143 9.08 15.29 -9.60
CA ILE B 143 7.62 15.27 -9.92
C ILE B 143 7.33 16.52 -10.75
N TYR B 144 6.66 16.35 -11.90
CA TYR B 144 6.32 17.46 -12.82
C TYR B 144 4.80 17.68 -12.80
N CYS B 145 4.40 18.95 -12.75
CA CYS B 145 2.97 19.40 -12.80
C CYS B 145 2.89 20.67 -13.64
N ARG B 146 1.66 21.15 -13.89
CA ARG B 146 1.37 22.36 -14.70
C ARG B 146 0.75 23.46 -13.81
N ASP B 147 0.22 23.10 -12.64
CA ASP B 147 -0.57 24.01 -11.77
C ASP B 147 0.32 24.51 -10.63
N LYS B 148 0.42 25.83 -10.45
CA LYS B 148 1.24 26.48 -9.38
C LYS B 148 0.71 26.08 -8.01
N ASN B 149 -0.60 25.94 -7.88
CA ASN B 149 -1.30 25.58 -6.62
C ASN B 149 -0.88 24.16 -6.22
N TRP B 150 -0.84 23.25 -7.18
CA TRP B 150 -0.37 21.85 -7.01
C TRP B 150 1.10 21.84 -6.60
N GLU B 151 1.95 22.58 -7.32
CA GLU B 151 3.41 22.70 -7.03
C GLU B 151 3.57 22.91 -5.51
N LYS B 152 2.90 23.92 -4.96
CA LYS B 152 2.95 24.31 -3.53
C LYS B 152 2.45 23.14 -2.66
N LYS B 153 1.31 22.55 -2.99
CA LYS B 153 0.71 21.43 -2.21
C LYS B 153 1.66 20.23 -2.20
N ILE B 154 2.27 19.91 -3.35
CA ILE B 154 3.23 18.78 -3.50
C ILE B 154 4.47 19.09 -2.68
N GLN B 155 4.96 20.34 -2.76
CA GLN B 155 6.15 20.78 -2.00
C GLN B 155 5.89 20.58 -0.50
N GLU B 156 4.71 21.01 -0.03
CA GLU B 156 4.30 20.87 1.39
C GLU B 156 4.30 19.38 1.77
N ALA B 157 3.81 18.52 0.88
CA ALA B 157 3.71 17.05 1.08
C ALA B 157 5.11 16.45 1.17
N ILE B 158 6.03 16.87 0.29
CA ILE B 158 7.45 16.46 0.32
C ILE B 158 8.03 16.86 1.67
N ASP B 159 7.90 18.14 2.04
CA ASP B 159 8.50 18.72 3.26
C ASP B 159 8.07 17.95 4.50
N ARG B 160 6.76 17.67 4.63
CA ARG B 160 6.14 16.94 5.77
C ARG B 160 6.88 15.61 6.06
N ARG B 161 7.35 14.89 5.03
CA ARG B 161 7.75 13.46 5.21
C ARG B 161 9.27 13.33 5.39
N THR B 162 9.97 14.40 5.78
CA THR B 162 11.43 14.37 6.10
C THR B 162 11.66 13.53 7.36
#